data_9V0L
#
_entry.id   9V0L
#
_cell.length_a   176.970
_cell.length_b   176.970
_cell.length_c   66.171
_cell.angle_alpha   90.00
_cell.angle_beta   90.00
_cell.angle_gamma   120.00
#
_symmetry.space_group_name_H-M   'P 61 2 2'
#
loop_
_entity.id
_entity.type
_entity.pdbx_description
1 polymer 'tetrahydrobiopterin glucosyltransferases'
2 non-polymer "URIDINE-5'-DIPHOSPHATE"
3 water water
#
_entity_poly.entity_id   1
_entity_poly.type   'polypeptide(L)'
_entity_poly.pdbx_seq_one_letter_code
;MNKKYRLLFLSTPVGALGSGIGGGVELTLQNAAKALMAKGHEVEIVAPEGSVTNVTKLTPIAGNSQVSAQTQVGTDMVVL
PQDSVLENMWSYAREVQDQFDLLFNFAYDWLPLYLTPFFHRPIAHWISMSSLSPVIDAMVSKTVKLCPQAIAVNTRACAD
TFSDGDRLMIMGKGIDVTQYNFVAKPEKPSLAWVGRISPEKGLEDAAETAQATGLPLRVFGLIQDQAYWQQIQNDFPKAE
IHYEGFLSTHELQQKLGQSSALLMTPRWIEAFGNAAIEAFACGVPVISYRSGGLTEIVRHGKTGFLVDMGSVAGLIEAVS
KLETIDRLACRQQLEEEYSLEVWGDRLEKWFEQLITSYTLSRNI
;
_entity_poly.pdbx_strand_id   A
#
# COMPACT_ATOMS: atom_id res chain seq x y z
N LYS A 3 -14.47 10.51 -23.68
CA LYS A 3 -14.97 9.77 -22.53
C LYS A 3 -14.52 10.42 -21.23
N LYS A 4 -15.35 11.26 -20.64
CA LYS A 4 -15.07 11.86 -19.34
C LYS A 4 -16.08 11.35 -18.33
N TYR A 5 -15.58 10.79 -17.22
CA TYR A 5 -16.43 10.05 -16.30
C TYR A 5 -16.48 10.72 -14.94
N ARG A 6 -17.54 10.40 -14.20
CA ARG A 6 -17.72 10.78 -12.81
C ARG A 6 -17.53 9.54 -11.95
N LEU A 7 -16.54 9.59 -11.06
CA LEU A 7 -16.12 8.43 -10.29
C LEU A 7 -16.32 8.68 -8.79
N LEU A 8 -16.80 7.66 -8.10
CA LEU A 8 -16.94 7.69 -6.65
C LEU A 8 -15.90 6.76 -6.01
N PHE A 9 -14.95 7.35 -5.27
CA PHE A 9 -13.89 6.60 -4.60
C PHE A 9 -14.30 6.35 -3.16
N LEU A 10 -14.49 5.06 -2.81
CA LEU A 10 -14.85 4.66 -1.45
C LEU A 10 -13.62 4.13 -0.72
N SER A 11 -13.34 4.71 0.44
CA SER A 11 -12.06 4.58 1.11
C SER A 11 -12.08 3.41 2.10
N THR A 12 -10.94 3.20 2.76
CA THR A 12 -10.87 2.21 3.82
C THR A 12 -11.61 2.73 5.05
N PRO A 13 -12.34 1.87 5.76
CA PRO A 13 -12.96 2.25 7.03
C PRO A 13 -12.05 2.09 8.24
N VAL A 14 -10.79 1.69 8.06
CA VAL A 14 -9.94 1.41 9.21
C VAL A 14 -9.59 2.68 9.96
N GLY A 15 -9.37 3.77 9.24
CA GLY A 15 -9.10 5.04 9.88
C GLY A 15 -9.32 6.16 8.90
N ALA A 16 -9.02 7.37 9.36
CA ALA A 16 -9.20 8.55 8.53
C ALA A 16 -8.00 8.74 7.60
N LEU A 17 -8.30 9.05 6.34
CA LEU A 17 -7.25 9.46 5.40
C LEU A 17 -6.36 10.51 6.03
N GLY A 18 -5.04 10.33 5.87
CA GLY A 18 -4.07 11.24 6.42
C GLY A 18 -3.64 10.93 7.82
N SER A 19 -4.15 9.87 8.42
CA SER A 19 -3.75 9.46 9.76
C SER A 19 -2.80 8.27 9.76
N GLY A 20 -2.59 7.63 8.61
CA GLY A 20 -1.73 6.48 8.52
C GLY A 20 -2.33 5.20 9.03
N ILE A 21 -3.27 5.27 9.96
CA ILE A 21 -3.86 4.07 10.54
C ILE A 21 -4.39 3.15 9.44
N GLY A 22 -4.75 3.72 8.30
CA GLY A 22 -5.19 2.94 7.16
C GLY A 22 -4.10 2.30 6.33
N GLY A 23 -2.83 2.64 6.61
CA GLY A 23 -1.73 2.02 5.90
C GLY A 23 -1.52 2.59 4.50
N GLY A 24 -0.91 1.76 3.65
CA GLY A 24 -0.52 2.21 2.32
C GLY A 24 -1.68 2.53 1.39
N VAL A 25 -2.88 2.04 1.69
CA VAL A 25 -4.01 2.33 0.81
C VAL A 25 -4.32 3.82 0.83
N GLU A 26 -4.07 4.50 1.96
CA GLU A 26 -4.32 5.94 2.02
C GLU A 26 -3.63 6.67 0.87
N LEU A 27 -2.45 6.22 0.48
CA LEU A 27 -1.70 6.87 -0.59
C LEU A 27 -2.09 6.37 -1.97
N THR A 28 -2.34 5.08 -2.13
CA THR A 28 -2.73 4.60 -3.46
C THR A 28 -4.11 5.15 -3.85
N LEU A 29 -4.96 5.45 -2.88
CA LEU A 29 -6.27 6.01 -3.17
C LEU A 29 -6.16 7.44 -3.69
N GLN A 30 -5.36 8.26 -3.00
CA GLN A 30 -5.22 9.65 -3.39
C GLN A 30 -4.47 9.79 -4.71
N ASN A 31 -3.51 8.90 -4.98
CA ASN A 31 -2.75 8.98 -6.22
C ASN A 31 -3.56 8.44 -7.40
N ALA A 32 -4.42 7.44 -7.17
CA ALA A 32 -5.36 7.08 -8.22
C ALA A 32 -6.31 8.24 -8.51
N ALA A 33 -6.71 8.97 -7.48
CA ALA A 33 -7.50 10.18 -7.70
C ALA A 33 -6.72 11.17 -8.56
N LYS A 34 -5.48 11.48 -8.17
CA LYS A 34 -4.68 12.42 -8.94
C LYS A 34 -4.48 11.92 -10.37
N ALA A 35 -4.22 10.63 -10.53
CA ALA A 35 -3.99 10.09 -11.87
C ALA A 35 -5.21 10.29 -12.75
N LEU A 36 -6.39 9.90 -12.25
CA LEU A 36 -7.58 9.94 -13.09
C LEU A 36 -8.05 11.37 -13.35
N MET A 37 -7.88 12.27 -12.37
CA MET A 37 -8.22 13.66 -12.63
C MET A 37 -7.27 14.28 -13.66
N ALA A 38 -5.98 13.94 -13.57
CA ALA A 38 -5.04 14.40 -14.59
C ALA A 38 -5.53 14.07 -15.99
N LYS A 39 -6.32 13.01 -16.13
CA LYS A 39 -6.92 12.61 -17.38
C LYS A 39 -8.25 13.28 -17.65
N GLY A 40 -8.70 14.17 -16.75
CA GLY A 40 -9.92 14.90 -16.97
C GLY A 40 -11.18 14.25 -16.42
N HIS A 41 -11.07 13.46 -15.36
CA HIS A 41 -12.23 12.83 -14.75
C HIS A 41 -12.51 13.46 -13.39
N GLU A 42 -13.78 13.47 -13.02
CA GLU A 42 -14.19 13.94 -11.70
C GLU A 42 -14.12 12.80 -10.70
N VAL A 43 -13.59 13.10 -9.51
CA VAL A 43 -13.45 12.11 -8.45
C VAL A 43 -13.99 12.69 -7.16
N GLU A 44 -14.92 11.98 -6.53
CA GLU A 44 -15.39 12.28 -5.19
C GLU A 44 -14.92 11.16 -4.26
N ILE A 45 -14.33 11.53 -3.13
CA ILE A 45 -13.82 10.58 -2.15
C ILE A 45 -14.79 10.49 -0.99
N VAL A 46 -15.25 9.27 -0.68
CA VAL A 46 -16.06 8.98 0.50
C VAL A 46 -15.15 8.33 1.53
N ALA A 47 -15.04 8.93 2.71
CA ALA A 47 -14.08 8.45 3.70
C ALA A 47 -14.57 8.79 5.09
N PRO A 48 -14.07 8.10 6.11
CA PRO A 48 -14.54 8.34 7.49
C PRO A 48 -14.26 9.76 7.96
N GLU A 49 -15.07 10.20 8.91
CA GLU A 49 -14.88 11.50 9.55
C GLU A 49 -13.46 11.63 10.07
N GLY A 50 -12.90 12.83 9.96
CA GLY A 50 -11.52 13.08 10.25
C GLY A 50 -10.60 12.99 9.05
N SER A 51 -11.02 12.32 7.98
CA SER A 51 -10.23 12.25 6.77
C SER A 51 -9.88 13.65 6.27
N VAL A 52 -8.71 13.76 5.66
CA VAL A 52 -8.24 15.02 5.08
C VAL A 52 -7.59 14.73 3.75
N THR A 53 -7.74 15.66 2.82
CA THR A 53 -7.15 15.53 1.50
C THR A 53 -7.29 16.85 0.77
N ASN A 54 -6.29 17.14 -0.06
CA ASN A 54 -6.32 18.30 -0.94
C ASN A 54 -6.38 17.88 -2.42
N VAL A 55 -6.64 16.59 -2.69
CA VAL A 55 -6.72 16.09 -4.05
C VAL A 55 -8.05 16.49 -4.70
N THR A 56 -9.16 16.37 -3.99
CA THR A 56 -10.45 16.62 -4.61
C THR A 56 -11.54 16.67 -3.55
N LYS A 57 -12.80 16.62 -3.98
CA LYS A 57 -13.94 16.62 -3.06
C LYS A 57 -13.92 15.37 -2.19
N LEU A 58 -14.05 15.56 -0.87
CA LEU A 58 -14.10 14.46 0.09
C LEU A 58 -15.33 14.64 0.97
N THR A 59 -16.28 13.72 0.86
CA THR A 59 -17.44 13.74 1.73
C THR A 59 -17.17 12.84 2.93
N PRO A 60 -17.07 13.39 4.14
CA PRO A 60 -16.85 12.53 5.32
C PRO A 60 -18.13 11.93 5.85
N ILE A 61 -17.99 10.73 6.39
CA ILE A 61 -19.12 9.92 6.86
C ILE A 61 -18.85 9.51 8.30
N ALA A 62 -19.83 9.73 9.18
CA ALA A 62 -19.65 9.36 10.56
C ALA A 62 -19.92 7.87 10.79
N GLY A 63 -19.34 7.34 11.84
CA GLY A 63 -19.53 5.95 12.20
C GLY A 63 -18.34 5.42 12.99
N ASN A 64 -18.45 4.16 13.38
CA ASN A 64 -17.41 3.51 14.15
C ASN A 64 -16.37 2.88 13.23
N SER A 65 -15.10 3.14 13.52
CA SER A 65 -14.01 2.64 12.72
C SER A 65 -13.95 1.12 12.77
N GLN A 66 -13.29 0.55 11.77
CA GLN A 66 -13.20 -0.88 11.57
C GLN A 66 -11.83 -1.39 12.01
N VAL A 67 -11.79 -2.65 12.42
CA VAL A 67 -10.55 -3.30 12.81
C VAL A 67 -9.75 -3.63 11.56
N SER A 68 -8.43 -3.57 11.66
CA SER A 68 -7.58 -3.90 10.52
C SER A 68 -7.60 -5.40 10.24
N ALA A 69 -7.74 -5.76 8.96
CA ALA A 69 -7.71 -7.18 8.59
C ALA A 69 -6.40 -7.86 8.95
N GLN A 70 -5.34 -7.08 9.17
CA GLN A 70 -4.04 -7.65 9.54
C GLN A 70 -4.04 -8.20 10.96
N THR A 71 -4.95 -7.74 11.82
CA THR A 71 -5.08 -8.29 13.16
C THR A 71 -5.91 -9.57 13.20
N GLN A 72 -6.68 -9.87 12.15
CA GLN A 72 -7.54 -11.05 12.08
C GLN A 72 -7.09 -11.88 10.88
N VAL A 73 -5.98 -12.59 11.02
CA VAL A 73 -5.41 -13.40 9.94
C VAL A 73 -5.97 -14.80 10.07
N GLY A 74 -6.45 -15.34 8.95
CA GLY A 74 -7.08 -16.64 8.93
C GLY A 74 -8.50 -16.70 9.45
N THR A 75 -9.12 -15.56 9.74
CA THR A 75 -10.43 -15.57 10.39
C THR A 75 -11.50 -16.17 9.48
N ASP A 76 -12.53 -16.74 10.12
CA ASP A 76 -13.68 -17.31 9.42
C ASP A 76 -14.97 -16.58 9.78
N MET A 77 -14.87 -15.36 10.31
CA MET A 77 -16.04 -14.59 10.67
C MET A 77 -15.89 -13.15 10.20
N VAL A 78 -17.02 -12.52 9.92
CA VAL A 78 -17.10 -11.12 9.57
C VAL A 78 -17.70 -10.37 10.75
N VAL A 79 -17.03 -9.30 11.19
CA VAL A 79 -17.46 -8.53 12.35
C VAL A 79 -17.60 -7.07 11.95
N LEU A 80 -18.78 -6.51 12.20
CA LEU A 80 -19.09 -5.11 11.96
C LEU A 80 -19.53 -4.44 13.26
N PRO A 81 -18.92 -3.34 13.66
CA PRO A 81 -19.40 -2.63 14.84
C PRO A 81 -20.72 -1.95 14.55
N GLN A 82 -21.46 -1.67 15.62
CA GLN A 82 -22.72 -0.95 15.48
C GLN A 82 -22.46 0.40 14.81
N ASP A 83 -23.29 0.74 13.84
CA ASP A 83 -23.19 2.04 13.18
C ASP A 83 -21.81 2.22 12.55
N SER A 84 -21.36 1.18 11.85
CA SER A 84 -20.00 1.18 11.31
C SER A 84 -19.88 2.21 10.19
N VAL A 85 -18.71 2.86 10.12
CA VAL A 85 -18.45 3.77 9.01
C VAL A 85 -18.59 3.02 7.69
N LEU A 86 -18.14 1.77 7.64
CA LEU A 86 -18.23 1.01 6.41
C LEU A 86 -19.67 0.91 5.92
N GLU A 87 -20.58 0.46 6.80
CA GLU A 87 -22.01 0.51 6.50
C GLU A 87 -22.41 1.88 5.98
N ASN A 88 -22.04 2.92 6.71
CA ASN A 88 -22.57 4.24 6.41
C ASN A 88 -22.04 4.76 5.08
N MET A 89 -20.77 4.49 4.78
CA MET A 89 -20.22 4.91 3.49
C MET A 89 -20.95 4.23 2.34
N TRP A 90 -21.29 2.95 2.51
CA TRP A 90 -21.96 2.23 1.43
C TRP A 90 -23.46 2.45 1.39
N SER A 91 -24.08 2.91 2.49
CA SER A 91 -25.42 3.47 2.39
C SER A 91 -25.39 4.79 1.62
N TYR A 92 -24.41 5.64 1.93
CA TYR A 92 -24.25 6.87 1.15
C TYR A 92 -24.03 6.57 -0.33
N ALA A 93 -23.17 5.59 -0.62
CA ALA A 93 -22.93 5.23 -2.01
C ALA A 93 -24.21 4.78 -2.69
N ARG A 94 -25.01 3.96 -2.01
CA ARG A 94 -26.28 3.53 -2.58
C ARG A 94 -27.16 4.72 -2.91
N GLU A 95 -27.09 5.77 -2.09
CA GLU A 95 -27.94 6.95 -2.29
C GLU A 95 -27.56 7.71 -3.55
N VAL A 96 -26.26 7.96 -3.75
CA VAL A 96 -25.78 8.84 -4.82
C VAL A 96 -25.28 8.07 -6.04
N GLN A 97 -25.46 6.75 -6.07
CA GLN A 97 -24.83 5.95 -7.11
C GLN A 97 -25.24 6.40 -8.51
N ASP A 98 -26.45 6.92 -8.67
CA ASP A 98 -26.91 7.30 -10.00
C ASP A 98 -26.22 8.55 -10.53
N GLN A 99 -25.53 9.30 -9.66
CA GLN A 99 -24.83 10.51 -10.07
C GLN A 99 -23.40 10.24 -10.54
N PHE A 100 -23.01 8.97 -10.69
CA PHE A 100 -21.65 8.59 -11.04
C PHE A 100 -21.66 7.46 -12.05
N ASP A 101 -20.57 7.38 -12.82
CA ASP A 101 -20.44 6.33 -13.81
C ASP A 101 -19.89 5.04 -13.24
N LEU A 102 -19.17 5.11 -12.13
CA LEU A 102 -18.53 3.92 -11.60
C LEU A 102 -18.09 4.19 -10.17
N LEU A 103 -18.13 3.17 -9.34
CA LEU A 103 -17.68 3.22 -7.95
C LEU A 103 -16.42 2.40 -7.80
N PHE A 104 -15.42 2.97 -7.14
CA PHE A 104 -14.09 2.37 -6.99
C PHE A 104 -13.83 2.10 -5.51
N ASN A 105 -13.90 0.85 -5.09
CA ASN A 105 -13.78 0.50 -3.67
C ASN A 105 -12.35 0.11 -3.30
N PHE A 106 -11.86 0.68 -2.20
CA PHE A 106 -10.55 0.40 -1.65
C PHE A 106 -10.58 -0.41 -0.35
N ALA A 107 -11.76 -0.65 0.23
CA ALA A 107 -11.82 -1.32 1.52
C ALA A 107 -11.60 -2.82 1.37
N TYR A 108 -10.68 -3.37 2.16
CA TYR A 108 -10.40 -4.81 2.18
C TYR A 108 -11.38 -5.48 3.14
N ASP A 109 -12.63 -5.63 2.68
CA ASP A 109 -13.75 -5.95 3.58
C ASP A 109 -14.83 -6.75 2.88
N TRP A 110 -15.49 -7.63 3.64
CA TRP A 110 -16.56 -8.47 3.11
C TRP A 110 -17.70 -7.66 2.52
N LEU A 111 -18.13 -6.58 3.20
CA LEU A 111 -19.36 -5.91 2.83
C LEU A 111 -19.35 -5.34 1.41
N PRO A 112 -18.38 -4.51 1.01
CA PRO A 112 -18.41 -3.96 -0.36
C PRO A 112 -18.46 -5.05 -1.42
N LEU A 113 -17.70 -6.12 -1.22
CA LEU A 113 -17.77 -7.25 -2.13
C LEU A 113 -19.17 -7.85 -2.15
N TYR A 114 -19.79 -7.97 -0.98
CA TYR A 114 -21.12 -8.55 -0.93
C TYR A 114 -22.14 -7.62 -1.60
N LEU A 115 -22.00 -6.32 -1.41
CA LEU A 115 -22.97 -5.39 -1.98
C LEU A 115 -22.87 -5.26 -3.49
N THR A 116 -21.76 -5.71 -4.10
CA THR A 116 -21.48 -5.37 -5.49
C THR A 116 -22.68 -5.60 -6.39
N PRO A 117 -23.30 -6.80 -6.42
CA PRO A 117 -24.42 -7.00 -7.35
C PRO A 117 -25.71 -6.32 -6.92
N PHE A 118 -25.86 -5.92 -5.66
CA PHE A 118 -27.03 -5.16 -5.24
C PHE A 118 -27.06 -3.75 -5.82
N PHE A 119 -25.92 -3.25 -6.29
CA PHE A 119 -25.88 -1.95 -6.95
C PHE A 119 -26.30 -2.08 -8.41
N HIS A 120 -26.67 -0.96 -9.01
CA HIS A 120 -26.95 -0.88 -10.44
C HIS A 120 -26.00 0.09 -11.14
N ARG A 121 -24.74 0.07 -10.72
CA ARG A 121 -23.64 0.82 -11.29
C ARG A 121 -22.40 -0.05 -11.24
N PRO A 122 -21.52 0.04 -12.23
CA PRO A 122 -20.28 -0.75 -12.17
C PRO A 122 -19.46 -0.38 -10.95
N ILE A 123 -18.97 -1.40 -10.26
CA ILE A 123 -18.10 -1.23 -9.10
C ILE A 123 -16.78 -1.91 -9.40
N ALA A 124 -15.69 -1.17 -9.31
CA ALA A 124 -14.36 -1.72 -9.40
C ALA A 124 -13.77 -1.81 -7.99
N HIS A 125 -12.98 -2.87 -7.77
CA HIS A 125 -12.37 -3.13 -6.48
C HIS A 125 -10.86 -3.05 -6.60
N TRP A 126 -10.24 -2.31 -5.68
CA TRP A 126 -8.80 -2.35 -5.49
C TRP A 126 -8.51 -3.18 -4.25
N ILE A 127 -8.00 -4.40 -4.44
CA ILE A 127 -7.54 -5.22 -3.32
C ILE A 127 -6.10 -4.84 -3.00
N SER A 128 -5.87 -4.34 -1.80
CA SER A 128 -4.56 -3.77 -1.50
C SER A 128 -3.58 -4.76 -0.88
N MET A 129 -4.03 -5.95 -0.46
CA MET A 129 -3.19 -6.88 0.27
C MET A 129 -3.37 -8.30 -0.26
N SER A 130 -2.39 -9.13 0.04
CA SER A 130 -2.51 -10.57 -0.20
C SER A 130 -3.69 -11.13 0.59
N SER A 131 -4.11 -12.33 0.19
CA SER A 131 -5.18 -13.05 0.86
C SER A 131 -4.82 -13.25 2.33
N LEU A 132 -5.58 -12.63 3.23
CA LEU A 132 -5.32 -12.72 4.66
C LEU A 132 -6.35 -13.56 5.41
N SER A 133 -7.40 -14.02 4.74
CA SER A 133 -8.43 -14.78 5.43
C SER A 133 -9.17 -15.65 4.43
N PRO A 134 -9.70 -16.79 4.87
CA PRO A 134 -10.62 -17.52 3.98
C PRO A 134 -11.90 -16.74 3.67
N VAL A 135 -12.34 -15.81 4.52
CA VAL A 135 -13.56 -15.05 4.22
C VAL A 135 -13.33 -14.11 3.04
N ILE A 136 -12.24 -13.33 3.07
CA ILE A 136 -11.98 -12.39 1.98
C ILE A 136 -11.62 -13.14 0.70
N ASP A 137 -10.91 -14.27 0.84
CA ASP A 137 -10.60 -15.11 -0.31
C ASP A 137 -11.88 -15.64 -0.95
N ALA A 138 -12.82 -16.12 -0.15
CA ALA A 138 -14.07 -16.64 -0.70
C ALA A 138 -14.90 -15.55 -1.35
N MET A 139 -14.93 -14.35 -0.77
CA MET A 139 -15.70 -13.26 -1.35
C MET A 139 -15.08 -12.81 -2.66
N VAL A 140 -13.75 -12.74 -2.73
CA VAL A 140 -13.10 -12.38 -3.99
C VAL A 140 -13.49 -13.36 -5.08
N SER A 141 -13.49 -14.66 -4.77
CA SER A 141 -13.91 -15.67 -5.75
C SER A 141 -15.33 -15.43 -6.22
N LYS A 142 -16.27 -15.27 -5.28
CA LYS A 142 -17.67 -15.10 -5.64
C LYS A 142 -17.89 -13.83 -6.45
N THR A 143 -17.23 -12.73 -6.07
CA THR A 143 -17.52 -11.48 -6.76
C THR A 143 -16.90 -11.46 -8.16
N VAL A 144 -15.67 -11.95 -8.33
CA VAL A 144 -15.10 -11.89 -9.68
C VAL A 144 -15.85 -12.81 -10.63
N LYS A 145 -16.40 -13.92 -10.12
CA LYS A 145 -17.22 -14.77 -10.98
C LYS A 145 -18.48 -14.05 -11.42
N LEU A 146 -19.04 -13.20 -10.56
CA LEU A 146 -20.21 -12.41 -10.92
C LEU A 146 -19.86 -11.21 -11.78
N CYS A 147 -18.68 -10.65 -11.57
CA CYS A 147 -18.26 -9.40 -12.21
C CYS A 147 -16.83 -9.55 -12.70
N PRO A 148 -16.62 -10.37 -13.73
CA PRO A 148 -15.25 -10.59 -14.22
C PRO A 148 -14.54 -9.27 -14.53
N GLN A 149 -13.25 -9.25 -14.25
CA GLN A 149 -12.41 -8.10 -14.54
C GLN A 149 -12.73 -6.88 -13.67
N ALA A 150 -13.50 -7.03 -12.60
CA ALA A 150 -13.83 -5.90 -11.75
C ALA A 150 -12.94 -5.76 -10.52
N ILE A 151 -12.10 -6.75 -10.24
CA ILE A 151 -11.23 -6.73 -9.07
C ILE A 151 -9.78 -6.70 -9.54
N ALA A 152 -8.99 -5.79 -8.97
CA ALA A 152 -7.60 -5.63 -9.34
C ALA A 152 -6.70 -5.72 -8.11
N VAL A 153 -5.43 -6.09 -8.37
CA VAL A 153 -4.39 -6.17 -7.35
C VAL A 153 -3.13 -5.48 -7.87
N ASN A 154 -2.17 -5.29 -6.96
CA ASN A 154 -0.90 -4.65 -7.33
C ASN A 154 -0.10 -5.51 -8.27
N THR A 155 0.16 -6.75 -7.88
CA THR A 155 1.16 -7.58 -8.53
C THR A 155 0.58 -8.96 -8.77
N ARG A 156 1.28 -9.72 -9.60
CA ARG A 156 0.92 -11.11 -9.81
C ARG A 156 1.21 -11.96 -8.57
N ALA A 157 2.26 -11.63 -7.83
CA ALA A 157 2.52 -12.32 -6.57
C ALA A 157 1.35 -12.17 -5.62
N CYS A 158 0.69 -11.01 -5.63
CA CYS A 158 -0.51 -10.82 -4.81
C CYS A 158 -1.66 -11.67 -5.32
N ALA A 159 -1.91 -11.63 -6.63
CA ALA A 159 -3.00 -12.42 -7.19
C ALA A 159 -2.82 -13.91 -6.92
N ASP A 160 -1.58 -14.36 -6.75
CA ASP A 160 -1.34 -15.78 -6.52
C ASP A 160 -1.82 -16.23 -5.15
N THR A 161 -1.89 -15.30 -4.18
CA THR A 161 -2.33 -15.67 -2.83
C THR A 161 -3.81 -16.03 -2.79
N PHE A 162 -4.57 -15.65 -3.83
CA PHE A 162 -6.00 -15.87 -3.86
C PHE A 162 -6.31 -17.14 -4.62
N SER A 163 -7.34 -17.87 -4.15
CA SER A 163 -7.67 -19.14 -4.75
C SER A 163 -8.02 -19.01 -6.22
N ASP A 164 -8.59 -17.86 -6.62
CA ASP A 164 -8.94 -17.62 -8.01
C ASP A 164 -8.20 -16.39 -8.55
N GLY A 165 -6.95 -16.21 -8.10
CA GLY A 165 -6.17 -15.06 -8.53
C GLY A 165 -6.05 -14.92 -10.03
N ASP A 166 -6.11 -16.05 -10.76
CA ASP A 166 -6.02 -16.01 -12.22
C ASP A 166 -7.07 -15.11 -12.87
N ARG A 167 -8.14 -14.77 -12.13
CA ARG A 167 -9.19 -13.93 -12.68
C ARG A 167 -9.06 -12.49 -12.23
N LEU A 168 -8.04 -12.18 -11.45
CA LEU A 168 -7.80 -10.82 -11.00
C LEU A 168 -7.03 -10.04 -12.04
N MET A 169 -7.26 -8.73 -12.08
CA MET A 169 -6.52 -7.84 -12.96
C MET A 169 -5.27 -7.35 -12.25
N ILE A 170 -4.16 -7.33 -12.97
CA ILE A 170 -2.91 -6.81 -12.46
C ILE A 170 -2.77 -5.39 -13.02
N MET A 171 -2.83 -4.40 -12.12
CA MET A 171 -2.89 -2.99 -12.51
C MET A 171 -1.67 -2.19 -12.07
N GLY A 172 -0.65 -2.84 -11.52
CA GLY A 172 0.54 -2.10 -11.18
C GLY A 172 0.28 -1.06 -10.11
N LYS A 173 1.10 -0.01 -10.12
CA LYS A 173 0.99 1.05 -9.14
C LYS A 173 1.58 2.33 -9.73
N GLY A 174 1.27 3.44 -9.08
CA GLY A 174 1.82 4.72 -9.50
C GLY A 174 2.03 5.64 -8.31
N ILE A 175 3.08 6.44 -8.38
CA ILE A 175 3.37 7.45 -7.37
C ILE A 175 3.45 8.79 -8.06
N ASP A 176 3.16 9.86 -7.31
CA ASP A 176 3.33 11.23 -7.81
C ASP A 176 4.81 11.60 -7.65
N VAL A 177 5.59 11.43 -8.71
CA VAL A 177 7.03 11.59 -8.62
C VAL A 177 7.42 13.01 -8.20
N THR A 178 6.54 14.00 -8.43
CA THR A 178 6.88 15.39 -8.13
C THR A 178 7.09 15.64 -6.64
N GLN A 179 6.63 14.74 -5.79
CA GLN A 179 6.74 14.92 -4.35
C GLN A 179 8.00 14.30 -3.77
N TYR A 180 8.89 13.76 -4.61
CA TYR A 180 10.07 13.04 -4.13
C TYR A 180 11.32 13.63 -4.76
N ASN A 181 12.28 14.00 -3.91
CA ASN A 181 13.54 14.58 -4.34
C ASN A 181 14.64 13.53 -4.32
N PHE A 182 15.34 13.40 -5.43
CA PHE A 182 16.44 12.45 -5.54
C PHE A 182 17.62 12.92 -4.68
N VAL A 183 18.19 12.00 -3.92
CA VAL A 183 19.38 12.26 -3.12
C VAL A 183 20.46 11.30 -3.59
N ALA A 184 21.59 11.85 -4.02
CA ALA A 184 22.68 11.06 -4.55
C ALA A 184 23.63 10.57 -3.46
N LYS A 185 23.96 11.41 -2.47
CA LYS A 185 24.86 11.05 -1.39
C LYS A 185 24.30 11.49 -0.04
N PRO A 186 23.74 10.57 0.74
CA PRO A 186 23.31 10.93 2.09
C PRO A 186 24.47 11.51 2.89
N GLU A 187 24.14 12.35 3.87
CA GLU A 187 25.16 12.91 4.75
C GLU A 187 25.86 11.82 5.54
N LYS A 188 25.11 11.09 6.37
CA LYS A 188 25.61 9.96 7.14
C LYS A 188 25.00 8.68 6.63
N PRO A 189 25.80 7.64 6.40
CA PRO A 189 25.21 6.36 6.01
C PRO A 189 24.31 5.83 7.10
N SER A 190 23.17 5.28 6.69
CA SER A 190 22.16 4.82 7.63
C SER A 190 21.18 3.93 6.89
N LEU A 191 20.33 3.25 7.66
CA LEU A 191 19.32 2.35 7.13
C LEU A 191 17.94 2.87 7.49
N ALA A 192 16.96 2.50 6.68
CA ALA A 192 15.58 2.92 6.90
C ALA A 192 14.68 1.70 6.99
N TRP A 193 13.54 1.88 7.65
CA TRP A 193 12.50 0.85 7.74
C TRP A 193 11.16 1.57 7.83
N VAL A 194 10.26 1.23 6.91
CA VAL A 194 9.01 1.95 6.71
C VAL A 194 7.87 0.95 6.75
N GLY A 195 7.04 1.04 7.79
CA GLY A 195 5.83 0.21 7.89
C GLY A 195 5.19 0.32 9.26
N ARG A 196 4.12 -0.43 9.50
CA ARG A 196 3.47 -0.45 10.81
C ARG A 196 4.23 -1.36 11.77
N ILE A 197 4.54 -0.84 12.95
CA ILE A 197 5.35 -1.54 13.95
C ILE A 197 4.51 -2.64 14.59
N SER A 198 4.58 -3.85 14.05
CA SER A 198 3.84 -4.99 14.56
C SER A 198 4.68 -6.24 14.35
N PRO A 199 4.42 -7.31 15.11
CA PRO A 199 5.38 -8.43 15.15
C PRO A 199 5.57 -9.14 13.82
N GLU A 200 4.64 -9.03 12.89
CA GLU A 200 4.73 -9.74 11.62
C GLU A 200 5.37 -8.89 10.54
N LYS A 201 5.85 -7.70 10.89
CA LYS A 201 6.60 -6.86 9.96
C LYS A 201 8.08 -7.17 9.95
N GLY A 202 8.57 -7.91 10.94
CA GLY A 202 9.96 -8.32 10.97
C GLY A 202 10.95 -7.24 11.35
N LEU A 203 10.51 -6.19 12.05
CA LEU A 203 11.42 -5.12 12.45
C LEU A 203 12.57 -5.64 13.31
N GLU A 204 12.45 -6.84 13.86
CA GLU A 204 13.55 -7.42 14.62
C GLU A 204 14.74 -7.72 13.73
N ASP A 205 14.51 -8.21 12.52
CA ASP A 205 15.61 -8.52 11.62
C ASP A 205 16.33 -7.27 11.16
N ALA A 206 15.60 -6.17 10.98
CA ALA A 206 16.25 -4.93 10.55
C ALA A 206 17.09 -4.36 11.68
N ALA A 207 16.55 -4.34 12.91
CA ALA A 207 17.36 -3.89 14.04
C ALA A 207 18.65 -4.70 14.13
N GLU A 208 18.55 -6.02 14.02
CA GLU A 208 19.75 -6.85 14.12
C GLU A 208 20.75 -6.50 13.04
N THR A 209 20.26 -6.29 11.81
CA THR A 209 21.14 -5.89 10.73
C THR A 209 21.85 -4.57 11.05
N ALA A 210 21.13 -3.63 11.68
CA ALA A 210 21.72 -2.34 12.05
C ALA A 210 22.80 -2.51 13.10
N GLN A 211 22.50 -3.27 14.16
CA GLN A 211 23.51 -3.54 15.19
C GLN A 211 24.75 -4.17 14.58
N ALA A 212 24.58 -5.14 13.68
CA ALA A 212 25.71 -5.88 13.14
C ALA A 212 26.58 -5.00 12.25
N THR A 213 25.97 -4.15 11.43
CA THR A 213 26.70 -3.30 10.51
C THR A 213 27.10 -1.96 11.11
N GLY A 214 26.68 -1.67 12.34
CA GLY A 214 26.96 -0.37 12.92
C GLY A 214 26.27 0.79 12.25
N LEU A 215 25.28 0.54 11.39
CA LEU A 215 24.52 1.62 10.75
C LEU A 215 23.32 2.01 11.60
N PRO A 216 22.99 3.29 11.68
CA PRO A 216 21.79 3.68 12.43
C PRO A 216 20.52 3.33 11.66
N LEU A 217 19.52 2.89 12.40
CA LEU A 217 18.22 2.52 11.84
C LEU A 217 17.21 3.61 12.16
N ARG A 218 16.60 4.18 11.12
CA ARG A 218 15.48 5.10 11.30
C ARG A 218 14.20 4.37 10.91
N VAL A 219 13.27 4.28 11.84
CA VAL A 219 12.05 3.51 11.68
C VAL A 219 10.90 4.46 11.40
N PHE A 220 10.26 4.30 10.24
CA PHE A 220 9.12 5.10 9.83
C PHE A 220 7.85 4.26 9.95
N GLY A 221 6.90 4.74 10.72
CA GLY A 221 5.63 4.05 10.84
C GLY A 221 4.94 4.39 12.13
N LEU A 222 3.77 3.80 12.31
CA LEU A 222 2.95 4.01 13.49
C LEU A 222 3.14 2.82 14.45
N ILE A 223 3.28 3.12 15.73
CA ILE A 223 3.47 2.10 16.74
C ILE A 223 2.11 1.62 17.22
N GLN A 224 1.83 0.34 17.01
CA GLN A 224 0.60 -0.29 17.45
C GLN A 224 0.76 -1.01 18.78
N ASP A 225 1.93 -1.59 19.03
CA ASP A 225 2.22 -2.31 20.28
C ASP A 225 3.35 -1.57 20.99
N GLN A 226 3.00 -0.74 21.98
CA GLN A 226 4.02 0.08 22.63
C GLN A 226 5.06 -0.77 23.34
N ALA A 227 4.73 -2.03 23.66
CA ALA A 227 5.68 -2.95 24.26
C ALA A 227 6.58 -3.58 23.21
N TYR A 228 6.01 -3.98 22.07
CA TYR A 228 6.82 -4.52 20.98
C TYR A 228 7.87 -3.53 20.52
N TRP A 229 7.65 -2.23 20.75
CA TRP A 229 8.65 -1.22 20.43
C TRP A 229 9.75 -1.15 21.50
N GLN A 230 9.43 -1.53 22.73
CA GLN A 230 10.45 -1.64 23.77
C GLN A 230 11.14 -3.01 23.72
N GLN A 231 10.38 -4.05 23.35
CA GLN A 231 11.00 -5.36 23.21
C GLN A 231 12.12 -5.33 22.19
N ILE A 232 11.92 -4.63 21.08
CA ILE A 232 12.96 -4.53 20.06
C ILE A 232 14.15 -3.76 20.60
N GLN A 233 13.89 -2.62 21.25
CA GLN A 233 14.99 -1.81 21.76
C GLN A 233 15.69 -2.47 22.94
N ASN A 234 15.04 -3.42 23.61
CA ASN A 234 15.65 -4.15 24.71
C ASN A 234 16.22 -5.49 24.29
N ASP A 235 15.96 -5.94 23.06
CA ASP A 235 16.63 -7.09 22.49
C ASP A 235 17.85 -6.72 21.65
N PHE A 236 17.96 -5.46 21.25
CA PHE A 236 19.09 -4.98 20.46
C PHE A 236 19.52 -3.63 21.02
N PRO A 237 20.09 -3.63 22.24
CA PRO A 237 20.39 -2.36 22.91
C PRO A 237 21.61 -1.64 22.39
N LYS A 238 22.49 -2.32 21.66
CA LYS A 238 23.62 -1.65 21.02
C LYS A 238 23.24 -1.00 19.69
N ALA A 239 22.03 -1.25 19.20
CA ALA A 239 21.59 -0.65 17.94
C ALA A 239 21.12 0.78 18.18
N GLU A 240 21.53 1.67 17.27
CA GLU A 240 21.06 3.06 17.31
C GLU A 240 19.78 3.14 16.48
N ILE A 241 18.64 3.07 17.15
CA ILE A 241 17.33 3.09 16.51
C ILE A 241 16.64 4.41 16.82
N HIS A 242 16.15 5.08 15.79
CA HIS A 242 15.39 6.31 15.91
C HIS A 242 13.98 6.09 15.37
N TYR A 243 12.98 6.44 16.19
CA TYR A 243 11.59 6.40 15.77
C TYR A 243 11.21 7.78 15.22
N GLU A 244 10.85 7.82 13.93
CA GLU A 244 10.45 9.08 13.30
C GLU A 244 8.95 9.33 13.35
N GLY A 245 8.18 8.46 14.03
CA GLY A 245 6.74 8.59 13.99
C GLY A 245 6.23 8.35 12.59
N PHE A 246 4.97 8.75 12.39
CA PHE A 246 4.31 8.67 11.09
C PHE A 246 4.26 10.06 10.48
N LEU A 247 4.81 10.20 9.28
CA LEU A 247 5.06 11.50 8.68
C LEU A 247 4.17 11.70 7.46
N SER A 248 4.16 12.92 6.94
CA SER A 248 3.48 13.10 5.68
C SER A 248 4.44 12.74 4.55
N THR A 249 3.87 12.53 3.37
CA THR A 249 4.71 12.17 2.23
C THR A 249 5.88 13.14 2.06
N HIS A 250 5.64 14.42 2.32
CA HIS A 250 6.73 15.38 2.16
C HIS A 250 7.79 15.18 3.23
N GLU A 251 7.39 15.15 4.50
CA GLU A 251 8.37 14.93 5.56
C GLU A 251 9.02 13.56 5.45
N LEU A 252 8.30 12.57 4.91
CA LEU A 252 8.85 11.22 4.81
C LEU A 252 9.94 11.14 3.75
N GLN A 253 9.64 11.61 2.53
CA GLN A 253 10.65 11.57 1.47
C GLN A 253 11.89 12.38 1.87
N GLN A 254 11.69 13.46 2.63
CA GLN A 254 12.83 14.31 3.02
C GLN A 254 13.85 13.52 3.80
N LYS A 255 13.40 12.74 4.78
CA LYS A 255 14.31 11.96 5.62
C LYS A 255 14.65 10.62 4.99
N LEU A 256 13.71 9.98 4.31
CA LEU A 256 13.99 8.70 3.64
C LEU A 256 15.17 8.82 2.68
N GLY A 257 15.23 9.93 1.93
CA GLY A 257 16.28 10.09 0.94
C GLY A 257 17.69 10.10 1.54
N GLN A 258 17.81 10.45 2.83
CA GLN A 258 19.07 10.41 3.57
C GLN A 258 19.45 9.00 4.04
N SER A 259 18.83 7.97 3.51
CA SER A 259 19.14 6.61 3.92
C SER A 259 19.98 5.91 2.85
N SER A 260 20.91 5.07 3.30
CA SER A 260 21.73 4.36 2.34
C SER A 260 20.93 3.27 1.63
N ALA A 261 19.89 2.75 2.27
CA ALA A 261 19.03 1.70 1.75
C ALA A 261 17.84 1.51 2.67
N LEU A 262 16.75 1.03 2.10
CA LEU A 262 15.55 0.69 2.85
C LEU A 262 15.52 -0.82 3.04
N LEU A 263 15.36 -1.26 4.29
CA LEU A 263 15.25 -2.68 4.60
C LEU A 263 13.78 -3.05 4.70
N MET A 264 13.39 -4.13 4.03
CA MET A 264 12.05 -4.66 4.13
C MET A 264 12.13 -6.12 4.53
N THR A 265 11.44 -6.46 5.63
CA THR A 265 11.61 -7.76 6.28
C THR A 265 10.25 -8.43 6.50
N PRO A 266 9.45 -8.58 5.45
CA PRO A 266 8.14 -9.22 5.62
C PRO A 266 8.27 -10.68 6.05
N ARG A 267 7.46 -11.05 7.03
CA ARG A 267 7.28 -12.46 7.36
C ARG A 267 6.10 -13.09 6.62
N TRP A 268 5.13 -12.29 6.20
CA TRP A 268 4.04 -12.74 5.34
C TRP A 268 4.40 -12.48 3.89
N ILE A 269 3.41 -12.61 3.00
CA ILE A 269 3.61 -12.35 1.58
C ILE A 269 3.12 -10.93 1.30
N GLU A 270 4.06 -10.00 1.17
CA GLU A 270 3.74 -8.61 0.88
C GLU A 270 3.18 -8.50 -0.53
N ALA A 271 1.95 -8.00 -0.66
CA ALA A 271 1.36 -7.83 -1.98
C ALA A 271 2.17 -6.85 -2.81
N PHE A 272 2.48 -5.68 -2.24
CA PHE A 272 3.23 -4.66 -2.95
C PHE A 272 3.87 -3.73 -1.92
N GLY A 273 5.04 -3.19 -2.30
CA GLY A 273 5.79 -2.32 -1.43
C GLY A 273 5.68 -0.87 -1.82
N ASN A 274 4.67 -0.18 -1.27
CA ASN A 274 4.55 1.25 -1.48
C ASN A 274 5.76 1.98 -0.92
N ALA A 275 6.24 1.58 0.26
CA ALA A 275 7.45 2.18 0.79
C ALA A 275 8.64 1.92 -0.13
N ALA A 276 8.66 0.78 -0.83
CA ALA A 276 9.76 0.47 -1.73
C ALA A 276 9.80 1.45 -2.90
N ILE A 277 8.66 1.67 -3.55
CA ILE A 277 8.60 2.62 -4.67
C ILE A 277 9.01 4.02 -4.21
N GLU A 278 8.50 4.46 -3.05
CA GLU A 278 8.86 5.78 -2.56
C GLU A 278 10.36 5.87 -2.29
N ALA A 279 10.93 4.84 -1.67
CA ALA A 279 12.38 4.75 -1.53
C ALA A 279 13.09 4.99 -2.87
N PHE A 280 12.73 4.22 -3.90
CA PHE A 280 13.34 4.41 -5.21
C PHE A 280 13.25 5.87 -5.66
N ALA A 281 12.08 6.49 -5.45
CA ALA A 281 11.89 7.88 -5.87
C ALA A 281 12.94 8.80 -5.25
N CYS A 282 13.38 8.51 -4.03
CA CYS A 282 14.38 9.30 -3.34
C CYS A 282 15.81 8.85 -3.64
N GLY A 283 16.00 7.85 -4.50
CA GLY A 283 17.31 7.32 -4.79
C GLY A 283 17.84 6.31 -3.80
N VAL A 284 16.99 5.78 -2.92
CA VAL A 284 17.41 4.88 -1.86
C VAL A 284 17.23 3.45 -2.35
N PRO A 285 18.29 2.66 -2.48
CA PRO A 285 18.14 1.25 -2.88
C PRO A 285 17.40 0.44 -1.82
N VAL A 286 16.82 -0.67 -2.27
CA VAL A 286 15.89 -1.46 -1.47
C VAL A 286 16.47 -2.85 -1.26
N ILE A 287 16.57 -3.27 0.01
CA ILE A 287 17.04 -4.59 0.38
C ILE A 287 15.88 -5.31 1.05
N SER A 288 15.39 -6.37 0.41
CA SER A 288 14.16 -7.02 0.84
C SER A 288 14.32 -8.53 0.76
N TYR A 289 13.61 -9.22 1.65
CA TYR A 289 13.38 -10.65 1.50
C TYR A 289 12.57 -10.91 0.23
N ARG A 290 12.66 -12.15 -0.27
CA ARG A 290 11.90 -12.59 -1.43
C ARG A 290 10.44 -12.85 -1.02
N SER A 291 9.66 -11.77 -0.97
CA SER A 291 8.29 -11.83 -0.45
C SER A 291 7.36 -11.10 -1.42
N GLY A 292 6.51 -11.87 -2.10
CA GLY A 292 5.42 -11.28 -2.85
C GLY A 292 5.89 -10.32 -3.92
N GLY A 293 5.19 -9.21 -4.05
CA GLY A 293 5.51 -8.24 -5.10
C GLY A 293 6.91 -7.68 -5.03
N LEU A 294 7.54 -7.73 -3.85
CA LEU A 294 8.86 -7.13 -3.72
C LEU A 294 9.88 -7.77 -4.66
N THR A 295 9.76 -9.08 -4.89
CA THR A 295 10.67 -9.73 -5.83
C THR A 295 10.53 -9.14 -7.23
N GLU A 296 9.37 -8.60 -7.57
CA GLU A 296 9.16 -7.94 -8.85
C GLU A 296 9.59 -6.48 -8.83
N ILE A 297 9.53 -5.84 -7.66
CA ILE A 297 9.99 -4.45 -7.52
C ILE A 297 11.50 -4.39 -7.63
N VAL A 298 12.21 -5.05 -6.71
CA VAL A 298 13.66 -4.95 -6.60
C VAL A 298 14.31 -5.71 -7.75
N ARG A 299 15.15 -5.01 -8.52
CA ARG A 299 15.98 -5.63 -9.54
C ARG A 299 17.32 -5.99 -8.88
N HIS A 300 17.53 -7.26 -8.61
CA HIS A 300 18.68 -7.71 -7.81
C HIS A 300 19.99 -7.23 -8.44
N GLY A 301 20.78 -6.52 -7.64
CA GLY A 301 22.05 -6.00 -8.09
C GLY A 301 21.98 -4.79 -8.98
N LYS A 302 20.78 -4.30 -9.27
CA LYS A 302 20.63 -3.07 -10.05
C LYS A 302 19.96 -1.97 -9.25
N THR A 303 18.88 -2.27 -8.52
CA THR A 303 18.22 -1.30 -7.66
C THR A 303 18.10 -1.81 -6.23
N GLY A 304 18.79 -2.89 -5.90
CA GLY A 304 18.77 -3.40 -4.54
C GLY A 304 19.10 -4.88 -4.55
N PHE A 305 18.73 -5.54 -3.46
CA PHE A 305 19.06 -6.95 -3.32
C PHE A 305 17.89 -7.71 -2.74
N LEU A 306 17.60 -8.86 -3.33
CA LEU A 306 16.66 -9.82 -2.78
C LEU A 306 17.42 -10.84 -1.95
N VAL A 307 16.91 -11.09 -0.74
CA VAL A 307 17.51 -12.01 0.21
C VAL A 307 16.50 -13.09 0.56
N ASP A 308 16.97 -14.31 0.79
CA ASP A 308 16.13 -15.41 1.23
C ASP A 308 15.32 -15.03 2.46
N MET A 309 14.08 -15.49 2.51
CA MET A 309 13.18 -15.13 3.60
C MET A 309 13.86 -15.29 4.94
N GLY A 310 13.77 -14.25 5.77
CA GLY A 310 14.21 -14.33 7.15
C GLY A 310 15.69 -14.57 7.37
N SER A 311 16.53 -14.34 6.36
CA SER A 311 17.98 -14.52 6.47
C SER A 311 18.59 -13.20 6.93
N VAL A 312 18.79 -13.06 8.25
CA VAL A 312 19.44 -11.85 8.77
C VAL A 312 20.87 -11.74 8.23
N ALA A 313 21.59 -12.87 8.17
CA ALA A 313 22.92 -12.86 7.59
C ALA A 313 22.90 -12.36 6.17
N GLY A 314 21.84 -12.68 5.42
CA GLY A 314 21.76 -12.23 4.03
C GLY A 314 21.48 -10.75 3.92
N LEU A 315 20.73 -10.19 4.87
CA LEU A 315 20.55 -8.75 4.93
C LEU A 315 21.87 -8.04 5.20
N ILE A 316 22.60 -8.53 6.20
CA ILE A 316 23.89 -7.95 6.57
C ILE A 316 24.84 -7.96 5.37
N GLU A 317 24.83 -9.05 4.60
CA GLU A 317 25.72 -9.11 3.45
C GLU A 317 25.34 -8.10 2.39
N ALA A 318 24.04 -7.93 2.13
CA ALA A 318 23.60 -6.98 1.12
C ALA A 318 23.92 -5.54 1.53
N VAL A 319 23.72 -5.20 2.80
CA VAL A 319 24.08 -3.85 3.25
C VAL A 319 25.52 -3.56 2.88
N SER A 320 26.42 -4.51 3.16
CA SER A 320 27.84 -4.32 2.85
C SER A 320 28.14 -4.29 1.36
N LYS A 321 27.15 -4.59 0.51
CA LYS A 321 27.28 -4.41 -0.93
C LYS A 321 26.65 -3.13 -1.44
N LEU A 322 26.06 -2.31 -0.56
CA LEU A 322 25.27 -1.17 -1.02
C LEU A 322 25.99 -0.35 -2.06
N GLU A 323 27.29 -0.15 -1.88
CA GLU A 323 28.05 0.76 -2.73
C GLU A 323 27.96 0.38 -4.20
N THR A 324 27.62 -0.87 -4.50
CA THR A 324 27.54 -1.35 -5.88
C THR A 324 26.22 -0.97 -6.56
N ILE A 325 25.30 -0.32 -5.87
CA ILE A 325 24.02 0.08 -6.43
C ILE A 325 24.09 1.55 -6.81
N ASP A 326 23.80 1.85 -8.08
CA ASP A 326 23.72 3.24 -8.53
C ASP A 326 22.36 3.80 -8.10
N ARG A 327 22.37 4.70 -7.12
CA ARG A 327 21.14 5.29 -6.63
C ARG A 327 20.27 5.83 -7.77
N LEU A 328 20.89 6.28 -8.86
CA LEU A 328 20.09 6.86 -9.95
C LEU A 328 19.30 5.82 -10.70
N ALA A 329 19.80 4.58 -10.76
CA ALA A 329 19.03 3.50 -11.37
C ALA A 329 17.69 3.31 -10.66
N CYS A 330 17.71 3.34 -9.32
CA CYS A 330 16.49 3.28 -8.53
C CYS A 330 15.49 4.34 -8.98
N ARG A 331 15.94 5.60 -9.00
CA ARG A 331 15.04 6.70 -9.37
C ARG A 331 14.51 6.52 -10.78
N GLN A 332 15.37 6.09 -11.71
CA GLN A 332 14.94 5.96 -13.10
C GLN A 332 13.97 4.79 -13.29
N GLN A 333 14.16 3.69 -12.54
CA GLN A 333 13.17 2.62 -12.59
C GLN A 333 11.81 3.12 -12.15
N LEU A 334 11.78 3.96 -11.11
CA LEU A 334 10.52 4.52 -10.63
C LEU A 334 9.94 5.55 -11.60
N GLU A 335 10.78 6.24 -12.37
CA GLU A 335 10.24 7.20 -13.34
C GLU A 335 9.64 6.49 -14.54
N GLU A 336 10.17 5.32 -14.90
CA GLU A 336 9.72 4.61 -16.10
C GLU A 336 8.45 3.83 -15.81
N GLU A 337 8.47 3.03 -14.76
CA GLU A 337 7.26 2.42 -14.21
C GLU A 337 6.95 3.07 -12.87
N TYR A 338 5.68 3.00 -12.46
CA TYR A 338 5.17 3.60 -11.23
C TYR A 338 4.95 5.11 -11.35
N SER A 339 4.76 5.64 -12.56
CA SER A 339 4.38 7.03 -12.75
C SER A 339 2.86 7.16 -12.85
N LEU A 340 2.32 8.26 -12.34
CA LEU A 340 0.87 8.46 -12.43
C LEU A 340 0.40 8.38 -13.87
N GLU A 341 1.19 8.91 -14.80
CA GLU A 341 0.79 8.93 -16.20
C GLU A 341 0.48 7.52 -16.71
N VAL A 342 1.44 6.60 -16.58
CA VAL A 342 1.20 5.24 -17.06
C VAL A 342 0.11 4.57 -16.24
N TRP A 343 0.16 4.71 -14.91
CA TRP A 343 -0.85 4.11 -14.05
C TRP A 343 -2.23 4.68 -14.38
N GLY A 344 -2.35 6.01 -14.37
CA GLY A 344 -3.61 6.64 -14.73
C GLY A 344 -4.14 6.14 -16.06
N ASP A 345 -3.25 5.84 -16.99
CA ASP A 345 -3.69 5.31 -18.29
C ASP A 345 -4.28 3.91 -18.14
N ARG A 346 -3.57 3.01 -17.44
CA ARG A 346 -4.10 1.66 -17.23
C ARG A 346 -5.49 1.71 -16.60
N LEU A 347 -5.63 2.46 -15.50
CA LEU A 347 -6.92 2.55 -14.82
C LEU A 347 -7.99 3.10 -15.74
N GLU A 348 -7.66 4.14 -16.51
CA GLU A 348 -8.64 4.74 -17.40
C GLU A 348 -9.17 3.72 -18.40
N LYS A 349 -8.27 3.01 -19.09
CA LYS A 349 -8.74 2.00 -20.03
C LYS A 349 -9.38 0.82 -19.31
N TRP A 350 -9.15 0.69 -18.01
CA TRP A 350 -9.84 -0.34 -17.23
C TRP A 350 -11.27 0.07 -16.94
N PHE A 351 -11.44 1.20 -16.24
CA PHE A 351 -12.77 1.75 -16.00
C PHE A 351 -13.56 1.88 -17.29
N GLU A 352 -12.91 2.36 -18.36
CA GLU A 352 -13.62 2.59 -19.61
C GLU A 352 -14.23 1.29 -20.14
N GLN A 353 -13.56 0.16 -19.91
CA GLN A 353 -14.11 -1.12 -20.34
C GLN A 353 -15.25 -1.60 -19.44
N LEU A 354 -15.14 -1.36 -18.12
CA LEU A 354 -16.20 -1.77 -17.22
C LEU A 354 -17.46 -0.94 -17.46
N ILE A 355 -17.30 0.38 -17.58
CA ILE A 355 -18.44 1.26 -17.82
C ILE A 355 -19.14 0.89 -19.11
N THR A 356 -18.36 0.56 -20.14
CA THR A 356 -18.94 0.29 -21.46
C THR A 356 -19.70 -1.02 -21.48
N SER A 357 -19.20 -2.03 -20.77
CA SER A 357 -19.77 -3.37 -20.86
C SER A 357 -20.72 -3.68 -19.72
N TYR A 358 -21.03 -2.70 -18.86
CA TYR A 358 -21.73 -3.01 -17.60
C TYR A 358 -23.02 -3.79 -17.86
N THR A 359 -23.85 -3.31 -18.78
CA THR A 359 -25.08 -4.04 -19.09
C THR A 359 -25.75 -3.47 -20.35
#